data_7KO9
#
_entry.id   7KO9
#
_cell.length_a   129.280
_cell.length_b   132.820
_cell.length_c   47.250
_cell.angle_alpha   90.000
_cell.angle_beta   94.130
_cell.angle_gamma   90.000
#
_symmetry.space_group_name_H-M   'C 1 2 1'
#
loop_
_entity.id
_entity.type
_entity.pdbx_description
1 polymer 'AidA-I family adhesin'
2 non-polymer GLYCEROL
3 non-polymer 'ISOPROPYL ALCOHOL'
4 non-polymer 'CITRIC ACID'
5 non-polymer DI(HYDROXYETHYL)ETHER
6 water water
#
_entity_poly.entity_id   1
_entity_poly.type   'polypeptide(L)'
_entity_poly.pdbx_seq_one_letter_code
;SNAADTVVQAGETVNGGTLTNHDNQIVLGTANGMTISTGLEYGPDNEANTGGQWIQNGGIANNTTVTGGGLQRVNAGGSV
SDTVISAGGGQSLQGQAVNTTLNGGEQWVHEGGIATGTVINEKGWQAVKSGAMATDTVVNTGAEGGPDAENGDTGQTVYG
DAVRTTINKNGRQIVAAEGTANTTVVYAGGDQTVHGHALDTTLNGGYQYVHNGGTASDTVVNSDGWQIIKEGGLADFTTV
NQKGKLQVNAGGTATNVTLTQGGALVTSTAATVTGSNRLGNFTVENGNADGVVLESGGRLDVLEGHSAWKTLVDDGGTLA
VSAGGKATDVTMTSGGALIADSGATVEGTNASGKFSIDGISGQASGLLLENGGSFTVNAGGLASNTTVGHRGTLTLAAGG
SLSGRTQLSKGASMVLNGDVVSTGDIVNAGEIRFDNQTTPDAALSRAVAKGDSPVTFHKLTTSNLTGQGGTINMRVRLDG
SNASDQLVINGGQATGKTWLAFTNVGNSNLGVATSGQGIRVVDAQNGATTEEGAFALSRPLQAGAFNYTLNRDSDEDWYL
RSEN
;
_entity_poly.pdbx_strand_id   A
#
# COMPACT_ATOMS: atom_id res chain seq x y z
N ASP A 5 -35.43 47.63 5.49
CA ASP A 5 -34.59 48.82 5.33
C ASP A 5 -33.11 48.45 5.54
N THR A 6 -32.51 48.96 6.61
CA THR A 6 -31.12 48.70 6.95
C THR A 6 -30.94 48.09 8.34
N VAL A 7 -31.85 48.37 9.27
CA VAL A 7 -31.84 47.75 10.58
C VAL A 7 -33.12 46.94 10.74
N VAL A 8 -32.99 45.70 11.18
CA VAL A 8 -34.14 44.89 11.55
C VAL A 8 -34.20 44.84 13.07
N GLN A 9 -35.19 45.49 13.65
CA GLN A 9 -35.21 45.69 15.08
C GLN A 9 -35.79 44.47 15.80
N ALA A 10 -35.50 44.36 17.09
CA ALA A 10 -35.95 43.21 17.86
C ALA A 10 -37.46 43.06 17.76
N GLY A 11 -37.92 41.82 17.82
CA GLY A 11 -39.34 41.54 17.72
C GLY A 11 -39.93 41.77 16.35
N GLU A 12 -39.11 42.13 15.38
CA GLU A 12 -39.53 42.42 14.02
C GLU A 12 -38.96 41.36 13.10
N THR A 13 -39.75 40.96 12.11
CA THR A 13 -39.36 39.97 11.11
C THR A 13 -39.38 40.63 9.73
N VAL A 14 -38.50 40.16 8.86
CA VAL A 14 -38.32 40.70 7.53
C VAL A 14 -38.07 39.53 6.58
N ASN A 15 -38.62 39.61 5.39
CA ASN A 15 -38.71 38.48 4.48
C ASN A 15 -38.24 38.90 3.10
N GLY A 16 -37.18 38.29 2.61
CA GLY A 16 -36.73 38.61 1.28
C GLY A 16 -35.78 39.78 1.28
N GLY A 17 -35.28 40.11 0.11
CA GLY A 17 -34.33 41.22 0.09
C GLY A 17 -32.95 40.79 -0.35
N THR A 18 -32.25 41.69 -1.03
CA THR A 18 -30.92 41.41 -1.55
C THR A 18 -29.99 42.57 -1.24
N LEU A 19 -28.84 42.27 -0.65
CA LEU A 19 -27.84 43.28 -0.35
C LEU A 19 -26.75 43.29 -1.42
N THR A 20 -26.56 44.46 -2.02
CA THR A 20 -25.52 44.73 -3.01
C THR A 20 -24.82 46.03 -2.60
N ASN A 21 -23.78 46.41 -3.34
CA ASN A 21 -23.17 47.75 -3.23
C ASN A 21 -22.81 48.12 -1.79
N HIS A 22 -22.27 47.18 -1.01
CA HIS A 22 -21.81 47.46 0.35
C HIS A 22 -22.95 47.91 1.28
N ASP A 23 -24.20 47.66 0.91
CA ASP A 23 -25.32 47.93 1.80
C ASP A 23 -25.21 47.07 3.05
N ASN A 24 -25.93 47.46 4.10
CA ASN A 24 -25.84 46.73 5.35
C ASN A 24 -27.22 46.32 5.85
N GLN A 25 -27.26 45.17 6.52
CA GLN A 25 -28.44 44.74 7.27
C GLN A 25 -27.98 44.34 8.67
N ILE A 26 -28.46 45.04 9.67
CA ILE A 26 -28.17 44.72 11.06
C ILE A 26 -29.41 44.05 11.64
N VAL A 27 -29.26 42.82 12.07
CA VAL A 27 -30.41 41.99 12.43
C VAL A 27 -30.46 41.90 13.94
N LEU A 28 -31.44 42.57 14.52
CA LEU A 28 -31.76 42.45 15.94
C LEU A 28 -32.94 41.49 16.15
N GLY A 29 -33.90 41.49 15.22
CA GLY A 29 -35.00 40.53 15.20
C GLY A 29 -34.68 39.33 14.31
N THR A 30 -35.54 39.06 13.32
CA THR A 30 -35.43 37.92 12.43
C THR A 30 -35.39 38.38 10.98
N ALA A 31 -34.43 37.87 10.21
CA ALA A 31 -34.35 38.14 8.78
C ALA A 31 -34.37 36.82 8.02
N ASN A 32 -35.48 36.57 7.33
CA ASN A 32 -35.69 35.33 6.61
C ASN A 32 -35.45 35.52 5.11
N GLY A 33 -34.78 34.55 4.50
CA GLY A 33 -34.71 34.47 3.06
C GLY A 33 -33.99 35.61 2.38
N MET A 34 -33.05 36.25 3.09
CA MET A 34 -32.19 37.26 2.49
C MET A 34 -31.17 36.63 1.55
N THR A 35 -30.82 37.38 0.51
CA THR A 35 -29.66 37.08 -0.32
C THR A 35 -28.60 38.13 -0.03
N ILE A 36 -27.41 37.68 0.35
CA ILE A 36 -26.30 38.54 0.71
C ILE A 36 -25.28 38.45 -0.40
N SER A 37 -25.07 39.54 -1.12
CA SER A 37 -24.15 39.51 -2.26
C SER A 37 -23.09 40.61 -2.16
N THR A 38 -22.94 41.22 -0.98
CA THR A 38 -21.96 42.27 -0.77
C THR A 38 -21.27 42.03 0.57
N GLY A 39 -20.11 42.65 0.76
CA GLY A 39 -19.42 42.61 2.02
C GLY A 39 -18.10 41.87 2.02
N LEU A 40 -17.75 41.17 0.95
CA LEU A 40 -16.50 40.42 0.89
C LEU A 40 -15.76 40.64 -0.43
N GLU A 41 -16.04 41.75 -1.12
CA GLU A 41 -15.51 41.93 -2.46
C GLU A 41 -14.00 42.02 -2.50
N TYR A 42 -13.35 42.38 -1.40
CA TYR A 42 -11.89 42.44 -1.35
C TYR A 42 -11.29 41.22 -0.64
N GLY A 43 -12.06 40.15 -0.51
CA GLY A 43 -11.56 38.93 0.06
C GLY A 43 -11.60 38.91 1.58
N PRO A 44 -11.24 37.79 2.20
CA PRO A 44 -11.25 37.70 3.65
C PRO A 44 -10.17 38.56 4.25
N ASP A 45 -10.46 39.08 5.45
CA ASP A 45 -9.51 39.90 6.21
C ASP A 45 -8.98 41.09 5.40
N ASN A 46 -9.90 41.96 5.03
CA ASN A 46 -9.55 43.18 4.32
C ASN A 46 -10.34 44.33 4.92
N GLU A 47 -9.64 45.25 5.57
CA GLU A 47 -10.11 46.60 5.92
C GLU A 47 -11.02 47.26 4.89
N ALA A 48 -10.66 47.20 3.60
CA ALA A 48 -11.47 47.85 2.56
C ALA A 48 -12.86 47.23 2.41
N ASN A 49 -13.11 46.05 2.99
CA ASN A 49 -14.42 45.43 2.92
C ASN A 49 -15.45 46.24 3.70
N THR A 50 -16.66 46.33 3.15
CA THR A 50 -17.74 47.09 3.75
C THR A 50 -19.06 46.47 3.29
N GLY A 51 -20.08 46.54 4.14
CA GLY A 51 -21.35 45.94 3.83
C GLY A 51 -21.49 44.50 4.32
N GLY A 52 -22.70 43.95 4.17
CA GLY A 52 -23.02 42.60 4.59
C GLY A 52 -24.21 42.57 5.55
N GLN A 53 -24.48 41.36 6.05
CA GLN A 53 -25.52 41.08 7.04
C GLN A 53 -24.87 40.72 8.37
N TRP A 54 -25.26 41.42 9.42
CA TRP A 54 -24.57 41.28 10.71
C TRP A 54 -25.61 40.93 11.79
N ILE A 55 -25.62 39.66 12.19
CA ILE A 55 -26.56 39.17 13.18
C ILE A 55 -26.07 39.57 14.56
N GLN A 56 -26.87 40.34 15.27
CA GLN A 56 -26.53 40.78 16.62
C GLN A 56 -27.02 39.75 17.64
N ASN A 57 -26.59 39.95 18.88
CA ASN A 57 -27.13 39.18 19.99
C ASN A 57 -28.66 39.20 19.97
N GLY A 58 -29.25 38.00 19.95
CA GLY A 58 -30.68 37.82 19.89
C GLY A 58 -31.27 37.93 18.51
N GLY A 59 -30.49 38.35 17.51
CA GLY A 59 -30.93 38.29 16.14
C GLY A 59 -30.86 36.86 15.59
N ILE A 60 -31.72 36.62 14.61
CA ILE A 60 -31.83 35.34 13.90
C ILE A 60 -31.93 35.62 12.40
N ALA A 61 -31.30 34.74 11.61
CA ALA A 61 -31.44 34.72 10.16
C ALA A 61 -31.77 33.29 9.75
N ASN A 62 -32.77 33.13 8.88
CA ASN A 62 -33.13 31.83 8.35
C ASN A 62 -33.04 31.84 6.84
N ASN A 63 -32.55 30.72 6.28
CA ASN A 63 -32.54 30.51 4.83
C ASN A 63 -31.81 31.63 4.10
N THR A 64 -30.70 32.09 4.69
CA THR A 64 -29.89 33.10 4.04
C THR A 64 -29.10 32.50 2.89
N THR A 65 -29.08 33.18 1.77
CA THR A 65 -28.20 32.84 0.66
C THR A 65 -27.08 33.88 0.61
N VAL A 66 -25.84 33.41 0.57
CA VAL A 66 -24.66 34.27 0.56
C VAL A 66 -23.91 33.95 -0.73
N THR A 67 -24.03 34.83 -1.72
CA THR A 67 -23.41 34.63 -3.03
C THR A 67 -21.99 35.18 -3.05
N GLY A 68 -21.36 35.17 -4.22
CA GLY A 68 -20.00 35.63 -4.33
C GLY A 68 -19.87 37.07 -3.89
N GLY A 69 -18.88 37.36 -3.05
CA GLY A 69 -18.70 38.69 -2.53
C GLY A 69 -19.54 39.02 -1.34
N GLY A 70 -20.39 38.10 -0.91
CA GLY A 70 -21.27 38.35 0.22
C GLY A 70 -20.64 37.89 1.52
N LEU A 71 -20.96 38.63 2.58
CA LEU A 71 -20.46 38.37 3.92
C LEU A 71 -21.65 38.26 4.87
N GLN A 72 -21.70 37.18 5.63
CA GLN A 72 -22.61 37.06 6.76
C GLN A 72 -21.77 37.01 8.02
N ARG A 73 -22.03 37.90 8.95
CA ARG A 73 -21.33 37.94 10.22
C ARG A 73 -22.34 37.65 11.33
N VAL A 74 -21.97 36.75 12.22
CA VAL A 74 -22.84 36.29 13.31
C VAL A 74 -22.11 36.54 14.63
N ASN A 75 -22.59 37.53 15.39
CA ASN A 75 -22.00 37.84 16.69
C ASN A 75 -22.38 36.77 17.71
N ALA A 76 -21.64 36.76 18.82
CA ALA A 76 -22.04 36.00 20.00
C ALA A 76 -23.51 36.28 20.33
N GLY A 77 -24.24 35.22 20.68
CA GLY A 77 -25.65 35.32 20.93
C GLY A 77 -26.50 35.48 19.70
N GLY A 78 -25.88 35.61 18.52
CA GLY A 78 -26.61 35.61 17.28
C GLY A 78 -26.72 34.19 16.72
N SER A 79 -27.73 34.00 15.88
CA SER A 79 -28.10 32.64 15.54
C SER A 79 -28.60 32.59 14.10
N VAL A 80 -28.14 31.59 13.34
CA VAL A 80 -28.59 31.43 11.96
C VAL A 80 -28.86 29.95 11.69
N SER A 81 -29.84 29.69 10.84
CA SER A 81 -30.09 28.33 10.42
C SER A 81 -30.31 28.30 8.92
N ASP A 82 -29.85 27.21 8.31
CA ASP A 82 -30.15 26.89 6.92
C ASP A 82 -29.57 27.93 5.95
N THR A 83 -28.26 28.11 6.06
CA THR A 83 -27.51 28.98 5.19
C THR A 83 -26.90 28.19 4.05
N VAL A 84 -26.68 28.85 2.92
CA VAL A 84 -25.90 28.30 1.83
C VAL A 84 -24.98 29.39 1.30
N ILE A 85 -23.71 29.03 1.07
CA ILE A 85 -22.64 29.98 0.81
C ILE A 85 -21.88 29.55 -0.42
N SER A 86 -21.87 30.40 -1.44
CA SER A 86 -21.25 30.12 -2.71
C SER A 86 -19.76 30.43 -2.66
N ALA A 87 -19.06 30.04 -3.74
CA ALA A 87 -17.68 30.47 -3.91
C ALA A 87 -17.59 31.99 -3.85
N GLY A 88 -16.56 32.48 -3.16
CA GLY A 88 -16.41 33.91 -2.97
C GLY A 88 -17.31 34.49 -1.90
N GLY A 89 -18.04 33.67 -1.17
CA GLY A 89 -18.85 34.16 -0.08
C GLY A 89 -18.34 33.62 1.25
N GLY A 90 -18.72 34.24 2.36
CA GLY A 90 -18.19 33.84 3.65
C GLY A 90 -19.15 34.12 4.79
N GLN A 91 -19.04 33.32 5.85
CA GLN A 91 -19.75 33.55 7.10
C GLN A 91 -18.73 33.54 8.24
N SER A 92 -18.72 34.60 9.04
CA SER A 92 -17.86 34.71 10.21
C SER A 92 -18.72 34.52 11.45
N LEU A 93 -18.33 33.57 12.29
CA LEU A 93 -19.27 32.96 13.23
C LEU A 93 -18.70 32.98 14.64
N GLN A 94 -19.24 33.86 15.49
CA GLN A 94 -19.12 33.74 16.94
C GLN A 94 -20.43 33.39 17.62
N GLY A 95 -21.54 33.42 16.91
CA GLY A 95 -22.80 32.95 17.44
C GLY A 95 -22.96 31.48 17.07
N GLN A 96 -24.18 31.09 16.69
CA GLN A 96 -24.45 29.70 16.39
C GLN A 96 -25.09 29.58 15.01
N ALA A 97 -24.60 28.58 14.26
CA ALA A 97 -25.05 28.30 12.91
C ALA A 97 -25.43 26.83 12.82
N VAL A 98 -26.59 26.56 12.24
CA VAL A 98 -27.12 25.21 12.16
C VAL A 98 -27.49 24.97 10.71
N ASN A 99 -26.87 23.96 10.10
CA ASN A 99 -27.06 23.63 8.69
C ASN A 99 -26.57 24.75 7.77
N THR A 100 -25.28 24.75 7.50
CA THR A 100 -24.67 25.66 6.53
C THR A 100 -24.09 24.80 5.41
N THR A 101 -24.53 25.04 4.18
CA THR A 101 -23.95 24.36 3.03
C THR A 101 -22.95 25.28 2.35
N LEU A 102 -21.69 24.85 2.26
CA LEU A 102 -20.64 25.61 1.60
C LEU A 102 -20.41 24.99 0.23
N ASN A 103 -20.92 25.64 -0.80
CA ASN A 103 -20.62 25.25 -2.17
C ASN A 103 -19.52 26.16 -2.71
N GLY A 104 -18.31 25.92 -2.19
CA GLY A 104 -17.18 26.77 -2.50
C GLY A 104 -16.93 27.88 -1.50
N GLY A 105 -17.88 28.15 -0.61
CA GLY A 105 -17.77 29.25 0.33
C GLY A 105 -16.97 28.87 1.55
N GLU A 106 -16.74 29.85 2.40
CA GLU A 106 -15.94 29.66 3.61
C GLU A 106 -16.75 30.00 4.86
N GLN A 107 -16.45 29.30 5.94
CA GLN A 107 -17.05 29.52 7.25
C GLN A 107 -15.94 29.57 8.28
N TRP A 108 -15.73 30.73 8.89
CA TRP A 108 -14.73 30.89 9.94
C TRP A 108 -15.42 30.86 11.30
N VAL A 109 -15.14 29.84 12.10
CA VAL A 109 -15.76 29.71 13.40
C VAL A 109 -14.77 30.28 14.42
N HIS A 110 -15.11 31.42 15.00
CA HIS A 110 -14.27 32.10 15.96
C HIS A 110 -14.56 31.58 17.37
N GLU A 111 -13.65 31.91 18.28
CA GLU A 111 -13.77 31.54 19.68
C GLU A 111 -15.19 31.74 20.19
N GLY A 112 -15.80 30.67 20.71
CA GLY A 112 -17.14 30.76 21.25
C GLY A 112 -18.26 30.40 20.27
N GLY A 113 -17.97 30.38 18.98
CA GLY A 113 -18.97 30.01 18.02
C GLY A 113 -19.12 28.51 17.89
N ILE A 114 -20.33 28.09 17.51
CA ILE A 114 -20.65 26.69 17.33
C ILE A 114 -21.29 26.55 15.96
N ALA A 115 -20.64 25.77 15.08
CA ALA A 115 -21.14 25.49 13.74
C ALA A 115 -21.60 24.03 13.70
N THR A 116 -22.89 23.84 13.46
CA THR A 116 -23.51 22.52 13.47
C THR A 116 -24.05 22.25 12.07
N GLY A 117 -23.73 21.07 11.54
CA GLY A 117 -24.30 20.65 10.27
C GLY A 117 -23.78 21.43 9.08
N THR A 118 -22.51 21.80 9.11
CA THR A 118 -21.89 22.43 7.95
C THR A 118 -21.52 21.36 6.94
N VAL A 119 -21.89 21.57 5.68
CA VAL A 119 -21.58 20.65 4.57
C VAL A 119 -20.53 21.35 3.71
N ILE A 120 -19.34 20.76 3.59
CA ILE A 120 -18.23 21.39 2.87
C ILE A 120 -18.11 20.71 1.52
N ASN A 121 -18.49 21.42 0.45
CA ASN A 121 -18.40 20.94 -0.91
C ASN A 121 -17.45 21.81 -1.72
N GLU A 122 -17.07 21.31 -2.90
CA GLU A 122 -16.53 22.13 -4.00
C GLU A 122 -15.47 23.13 -3.52
N LYS A 123 -14.46 22.62 -2.84
CA LYS A 123 -13.32 23.40 -2.36
C LYS A 123 -13.73 24.60 -1.48
N GLY A 124 -14.79 24.42 -0.70
CA GLY A 124 -15.06 25.28 0.42
C GLY A 124 -14.14 24.96 1.59
N TRP A 125 -14.32 25.71 2.67
CA TRP A 125 -13.41 25.60 3.80
C TRP A 125 -14.13 26.01 5.07
N GLN A 126 -14.13 25.12 6.04
CA GLN A 126 -14.52 25.46 7.40
C GLN A 126 -13.23 25.55 8.21
N ALA A 127 -13.05 26.68 8.88
CA ALA A 127 -11.90 26.90 9.74
C ALA A 127 -12.41 26.99 11.17
N VAL A 128 -12.07 25.99 11.97
CA VAL A 128 -12.46 25.97 13.38
C VAL A 128 -11.26 26.48 14.18
N LYS A 129 -11.35 27.74 14.60
CA LYS A 129 -10.28 28.36 15.35
C LYS A 129 -10.29 27.87 16.79
N SER A 130 -9.19 28.13 17.49
CA SER A 130 -9.06 27.88 18.92
C SER A 130 -10.25 28.45 19.70
N GLY A 131 -10.81 27.62 20.57
CA GLY A 131 -11.95 28.02 21.36
C GLY A 131 -13.27 27.87 20.65
N ALA A 132 -13.25 27.55 19.36
CA ALA A 132 -14.48 27.34 18.60
C ALA A 132 -14.77 25.85 18.51
N MET A 133 -15.99 25.53 18.11
CA MET A 133 -16.43 24.15 18.00
C MET A 133 -17.22 23.95 16.72
N ALA A 134 -16.95 22.81 16.06
CA ALA A 134 -17.77 22.32 14.96
C ALA A 134 -18.37 20.98 15.35
N THR A 135 -19.60 20.75 14.88
CA THR A 135 -20.45 19.66 15.31
C THR A 135 -21.23 19.16 14.12
N ASP A 136 -21.18 17.85 13.90
CA ASP A 136 -21.94 17.18 12.85
C ASP A 136 -21.60 17.71 11.46
N THR A 137 -20.32 18.00 11.23
CA THR A 137 -19.85 18.44 9.92
C THR A 137 -19.80 17.29 8.92
N VAL A 138 -20.10 17.60 7.66
CA VAL A 138 -19.96 16.67 6.54
C VAL A 138 -18.91 17.25 5.60
N VAL A 139 -17.80 16.53 5.41
CA VAL A 139 -16.69 17.01 4.59
C VAL A 139 -16.66 16.25 3.28
N ASN A 140 -16.77 16.98 2.17
CA ASN A 140 -16.78 16.39 0.85
C ASN A 140 -15.69 16.97 -0.04
N THR A 141 -14.73 17.67 0.54
CA THR A 141 -13.70 18.30 -0.29
C THR A 141 -12.45 18.46 0.56
N GLY A 142 -11.33 18.72 -0.12
CA GLY A 142 -10.05 18.89 0.52
C GLY A 142 -9.05 17.77 0.28
N ALA A 143 -9.50 16.56 -0.05
CA ALA A 143 -8.58 15.45 -0.30
C ALA A 143 -8.39 15.18 -1.79
N GLU A 144 -8.97 16.01 -2.65
CA GLU A 144 -8.90 15.79 -4.10
C GLU A 144 -7.46 15.64 -4.55
N GLY A 145 -7.24 14.67 -5.43
CA GLY A 145 -5.92 14.26 -5.84
C GLY A 145 -5.34 13.12 -5.04
N GLY A 146 -5.86 12.88 -3.83
CA GLY A 146 -5.41 11.76 -3.03
C GLY A 146 -4.58 12.18 -1.84
N PRO A 147 -4.07 11.19 -1.10
CA PRO A 147 -3.39 11.51 0.16
C PRO A 147 -2.09 12.26 -0.02
N ASP A 148 -1.51 12.25 -1.21
CA ASP A 148 -0.23 12.92 -1.37
C ASP A 148 -0.41 14.27 -2.06
N ALA A 149 -1.67 14.63 -2.39
CA ALA A 149 -2.04 15.94 -2.90
C ALA A 149 -2.23 16.94 -1.76
N GLU A 150 -2.00 18.22 -2.04
CA GLU A 150 -2.19 19.24 -1.03
C GLU A 150 -3.07 20.33 -1.63
N ASN A 151 -4.24 20.54 -1.02
CA ASN A 151 -5.24 21.49 -1.49
C ASN A 151 -5.35 22.69 -0.56
N GLY A 152 -4.43 22.83 0.38
CA GLY A 152 -4.38 24.01 1.22
C GLY A 152 -5.64 24.16 2.05
N ASP A 153 -6.14 25.41 2.05
CA ASP A 153 -7.26 25.79 2.90
C ASP A 153 -8.58 25.35 2.25
N THR A 154 -8.77 24.04 2.25
CA THR A 154 -10.04 23.45 1.82
C THR A 154 -10.33 22.26 2.74
N GLY A 155 -11.58 21.83 2.74
CA GLY A 155 -12.01 20.84 3.69
C GLY A 155 -12.27 21.49 5.03
N GLN A 156 -11.89 20.80 6.10
CA GLN A 156 -12.07 21.27 7.47
C GLN A 156 -10.70 21.31 8.14
N THR A 157 -10.30 22.48 8.62
CA THR A 157 -9.08 22.66 9.41
C THR A 157 -9.49 22.94 10.85
N VAL A 158 -9.00 22.14 11.79
CA VAL A 158 -9.47 22.15 13.17
C VAL A 158 -8.33 22.67 14.05
N TYR A 159 -8.43 23.92 14.49
CA TYR A 159 -7.61 24.41 15.58
C TYR A 159 -8.31 24.33 16.94
N GLY A 160 -9.64 24.30 16.94
CA GLY A 160 -10.38 24.06 18.17
C GLY A 160 -10.84 22.62 18.30
N ASP A 161 -12.16 22.44 18.36
CA ASP A 161 -12.82 21.17 18.63
C ASP A 161 -13.82 20.84 17.51
N ALA A 162 -13.67 19.65 16.94
CA ALA A 162 -14.58 19.11 15.94
C ALA A 162 -15.19 17.83 16.48
N VAL A 163 -16.50 17.73 16.39
CA VAL A 163 -17.26 16.68 17.04
C VAL A 163 -18.20 16.07 16.01
N ARG A 164 -18.22 14.73 15.94
CA ARG A 164 -19.15 13.99 15.07
C ARG A 164 -19.01 14.41 13.61
N THR A 165 -17.80 14.36 13.11
CA THR A 165 -17.51 14.69 11.72
C THR A 165 -17.68 13.48 10.81
N THR A 166 -18.19 13.72 9.61
CA THR A 166 -18.28 12.70 8.57
C THR A 166 -17.39 13.15 7.42
N ILE A 167 -16.37 12.35 7.11
CA ILE A 167 -15.44 12.62 6.03
C ILE A 167 -15.74 11.64 4.89
N ASN A 168 -16.35 12.13 3.82
CA ASN A 168 -16.70 11.32 2.67
C ASN A 168 -15.59 11.36 1.63
N LYS A 169 -15.83 10.68 0.50
CA LYS A 169 -14.92 10.69 -0.63
C LYS A 169 -14.51 12.13 -0.95
N ASN A 170 -13.22 12.33 -1.16
CA ASN A 170 -12.55 13.61 -1.43
C ASN A 170 -12.57 14.55 -0.25
N GLY A 171 -13.10 14.16 0.91
CA GLY A 171 -13.08 15.01 2.08
C GLY A 171 -11.79 14.85 2.89
N ARG A 172 -11.34 15.96 3.48
CA ARG A 172 -10.15 16.01 4.32
C ARG A 172 -10.41 16.84 5.56
N GLN A 173 -10.10 16.27 6.72
CA GLN A 173 -10.07 17.00 7.97
C GLN A 173 -8.62 17.07 8.42
N ILE A 174 -8.12 18.29 8.60
CA ILE A 174 -6.78 18.52 9.11
C ILE A 174 -6.92 18.92 10.57
N VAL A 175 -6.41 18.11 11.48
CA VAL A 175 -6.43 18.40 12.91
C VAL A 175 -5.09 19.04 13.24
N ALA A 176 -5.08 20.37 13.38
CA ALA A 176 -3.86 21.10 13.70
C ALA A 176 -3.34 20.68 15.08
N ALA A 177 -2.14 21.16 15.40
CA ALA A 177 -1.42 20.64 16.56
C ALA A 177 -2.20 20.86 17.87
N GLU A 178 -2.90 21.99 17.99
CA GLU A 178 -3.71 22.25 19.17
C GLU A 178 -5.17 21.87 19.03
N GLY A 179 -5.56 21.28 17.88
CA GLY A 179 -6.95 20.94 17.65
C GLY A 179 -7.34 19.54 18.16
N THR A 180 -8.65 19.32 18.24
CA THR A 180 -9.16 18.05 18.72
C THR A 180 -10.39 17.64 17.92
N ALA A 181 -10.36 16.42 17.39
CA ALA A 181 -11.50 15.80 16.70
C ALA A 181 -11.98 14.66 17.58
N ASN A 182 -13.26 14.68 17.94
CA ASN A 182 -13.71 13.78 18.99
C ASN A 182 -14.58 12.63 18.52
N THR A 183 -15.33 12.73 17.44
CA THR A 183 -15.94 11.49 16.95
C THR A 183 -16.01 11.56 15.43
N THR A 184 -15.33 10.66 14.74
CA THR A 184 -15.13 10.85 13.31
C THR A 184 -15.27 9.51 12.61
N VAL A 185 -16.01 9.49 11.51
CA VAL A 185 -16.03 8.36 10.59
C VAL A 185 -15.46 8.84 9.27
N VAL A 186 -14.53 8.07 8.71
CA VAL A 186 -13.89 8.38 7.44
C VAL A 186 -14.21 7.27 6.44
N TYR A 187 -14.80 7.66 5.32
CA TYR A 187 -15.14 6.72 4.27
C TYR A 187 -14.05 6.70 3.22
N ALA A 188 -14.18 5.75 2.29
CA ALA A 188 -13.19 5.56 1.24
C ALA A 188 -13.04 6.85 0.42
N GLY A 189 -11.79 7.22 0.15
CA GLY A 189 -11.50 8.43 -0.58
C GLY A 189 -11.38 9.67 0.28
N GLY A 190 -11.64 9.56 1.58
CA GLY A 190 -11.40 10.62 2.53
C GLY A 190 -10.24 10.29 3.46
N ASP A 191 -9.77 11.32 4.16
CA ASP A 191 -8.71 11.09 5.12
C ASP A 191 -8.73 12.15 6.21
N GLN A 192 -8.07 11.81 7.31
CA GLN A 192 -7.93 12.67 8.47
C GLN A 192 -6.45 12.70 8.80
N THR A 193 -5.83 13.89 8.72
CA THR A 193 -4.43 14.03 9.09
C THR A 193 -4.35 14.67 10.46
N VAL A 194 -3.64 14.02 11.37
CA VAL A 194 -3.67 14.35 12.79
C VAL A 194 -2.31 14.89 13.18
N HIS A 195 -2.25 16.20 13.42
CA HIS A 195 -1.17 16.84 14.16
C HIS A 195 -1.52 17.05 15.63
N GLY A 196 -2.82 17.13 15.95
CA GLY A 196 -3.30 17.29 17.31
C GLY A 196 -3.83 15.98 17.88
N HIS A 197 -5.02 16.02 18.47
CA HIS A 197 -5.61 14.83 19.08
C HIS A 197 -6.83 14.37 18.29
N ALA A 198 -6.86 13.10 17.93
CA ALA A 198 -8.03 12.49 17.31
C ALA A 198 -8.57 11.43 18.25
N LEU A 199 -9.85 11.54 18.58
CA LEU A 199 -10.51 10.63 19.51
C LEU A 199 -11.63 9.92 18.77
N ASP A 200 -11.77 8.61 19.02
CA ASP A 200 -12.90 7.80 18.51
C ASP A 200 -13.09 7.93 17.00
N THR A 201 -12.03 7.71 16.23
CA THR A 201 -12.16 7.64 14.77
C THR A 201 -12.52 6.22 14.32
N THR A 202 -13.46 6.13 13.39
CA THR A 202 -13.80 4.89 12.69
C THR A 202 -13.43 5.05 11.22
N LEU A 203 -12.60 4.13 10.71
CA LEU A 203 -12.12 4.19 9.33
C LEU A 203 -12.85 3.12 8.55
N ASN A 204 -13.99 3.50 7.95
CA ASN A 204 -14.79 2.63 7.09
C ASN A 204 -14.37 2.78 5.63
N GLY A 205 -13.11 2.43 5.36
CA GLY A 205 -12.50 2.65 4.06
C GLY A 205 -11.56 3.85 4.02
N GLY A 206 -11.72 4.80 4.93
CA GLY A 206 -10.88 5.98 4.90
C GLY A 206 -9.52 5.79 5.56
N TYR A 207 -8.68 6.82 5.41
CA TYR A 207 -7.32 6.81 5.92
C TYR A 207 -7.18 7.84 7.02
N GLN A 208 -6.38 7.50 8.04
CA GLN A 208 -5.98 8.44 9.07
C GLN A 208 -4.46 8.46 9.17
N TYR A 209 -3.89 9.64 9.05
CA TYR A 209 -2.45 9.85 9.09
C TYR A 209 -2.12 10.52 10.42
N VAL A 210 -1.33 9.86 11.24
CA VAL A 210 -0.92 10.44 12.51
C VAL A 210 0.49 10.96 12.31
N HIS A 211 0.59 12.28 12.24
CA HIS A 211 1.86 12.92 11.97
C HIS A 211 2.67 13.00 13.25
N ASN A 212 3.89 13.52 13.11
CA ASN A 212 4.80 13.70 14.24
C ASN A 212 4.16 14.58 15.32
N GLY A 213 4.11 14.06 16.55
CA GLY A 213 3.50 14.78 17.65
C GLY A 213 1.98 14.67 17.73
N GLY A 214 1.31 14.14 16.70
CA GLY A 214 -0.11 13.86 16.83
C GLY A 214 -0.37 12.58 17.60
N THR A 215 -1.59 12.46 18.14
CA THR A 215 -1.99 11.25 18.83
C THR A 215 -3.41 10.88 18.38
N ALA A 216 -3.66 9.59 18.23
CA ALA A 216 -4.98 9.06 17.95
C ALA A 216 -5.37 8.08 19.04
N SER A 217 -6.58 8.21 19.58
CA SER A 217 -7.08 7.33 20.61
C SER A 217 -8.34 6.62 20.14
N ASP A 218 -8.45 5.34 20.48
CA ASP A 218 -9.64 4.53 20.24
C ASP A 218 -10.07 4.59 18.78
N THR A 219 -9.12 4.35 17.90
CA THR A 219 -9.40 4.23 16.48
C THR A 219 -9.89 2.82 16.18
N VAL A 220 -11.00 2.71 15.45
CA VAL A 220 -11.48 1.44 14.90
C VAL A 220 -11.21 1.46 13.41
N VAL A 221 -10.46 0.48 12.93
CA VAL A 221 -10.08 0.37 11.53
C VAL A 221 -10.87 -0.78 10.92
N ASN A 222 -11.90 -0.46 10.18
CA ASN A 222 -12.71 -1.48 9.55
C ASN A 222 -12.23 -1.73 8.13
N SER A 223 -13.01 -2.53 7.39
CA SER A 223 -12.60 -2.99 6.07
C SER A 223 -12.08 -1.85 5.21
N ASP A 224 -10.87 -2.05 4.69
CA ASP A 224 -10.19 -1.17 3.74
C ASP A 224 -9.73 0.13 4.40
N GLY A 225 -9.96 0.31 5.70
CA GLY A 225 -9.40 1.44 6.39
C GLY A 225 -7.91 1.27 6.68
N TRP A 226 -7.23 2.39 6.75
CA TRP A 226 -5.77 2.43 6.84
C TRP A 226 -5.42 3.50 7.85
N GLN A 227 -4.90 3.09 9.01
CA GLN A 227 -4.32 4.01 9.98
C GLN A 227 -2.80 3.94 9.87
N ILE A 228 -2.18 5.07 9.57
CA ILE A 228 -0.73 5.16 9.41
C ILE A 228 -0.21 6.03 10.53
N ILE A 229 0.71 5.47 11.31
CA ILE A 229 1.43 6.20 12.35
C ILE A 229 2.78 6.55 11.77
N LYS A 230 3.01 7.84 11.54
CA LYS A 230 4.29 8.30 11.02
C LYS A 230 5.30 8.41 12.17
N GLU A 231 6.55 8.71 11.80
CA GLU A 231 7.62 8.87 12.78
C GLU A 231 7.24 9.92 13.82
N GLY A 232 7.31 9.55 15.10
CA GLY A 232 6.93 10.47 16.15
C GLY A 232 5.43 10.60 16.36
N GLY A 233 4.61 9.79 15.65
CA GLY A 233 3.19 9.75 15.93
C GLY A 233 2.86 8.71 17.00
N LEU A 234 1.69 8.88 17.62
CA LEU A 234 1.19 7.96 18.64
C LEU A 234 -0.23 7.53 18.34
N ALA A 235 -0.46 6.20 18.31
CA ALA A 235 -1.80 5.63 18.35
C ALA A 235 -1.95 4.87 19.67
N ASP A 236 -3.07 5.05 20.36
CA ASP A 236 -3.38 4.29 21.55
C ASP A 236 -4.75 3.66 21.40
N PHE A 237 -4.85 2.37 21.73
CA PHE A 237 -6.11 1.62 21.67
C PHE A 237 -6.71 1.59 20.26
N THR A 238 -5.89 1.22 19.28
CA THR A 238 -6.40 0.94 17.95
C THR A 238 -6.96 -0.47 17.91
N THR A 239 -8.15 -0.63 17.33
CA THR A 239 -8.70 -1.95 17.05
C THR A 239 -8.76 -2.12 15.53
N VAL A 240 -8.11 -3.16 15.04
CA VAL A 240 -8.02 -3.41 13.60
C VAL A 240 -8.92 -4.60 13.32
N ASN A 241 -9.98 -4.36 12.56
CA ASN A 241 -10.92 -5.41 12.25
C ASN A 241 -10.59 -5.98 10.89
N GLN A 242 -11.42 -6.92 10.44
CA GLN A 242 -11.19 -7.64 9.20
C GLN A 242 -11.00 -6.68 8.03
N LYS A 243 -9.95 -6.93 7.24
CA LYS A 243 -9.59 -6.14 6.07
C LYS A 243 -9.14 -4.73 6.43
N GLY A 244 -9.10 -4.37 7.71
CA GLY A 244 -8.42 -3.16 8.11
C GLY A 244 -6.90 -3.35 8.26
N LYS A 245 -6.20 -2.21 8.34
CA LYS A 245 -4.76 -2.19 8.31
C LYS A 245 -4.25 -1.10 9.23
N LEU A 246 -3.37 -1.47 10.16
CA LEU A 246 -2.59 -0.55 10.97
C LEU A 246 -1.14 -0.60 10.50
N GLN A 247 -0.62 0.55 10.09
CA GLN A 247 0.76 0.66 9.68
C GLN A 247 1.47 1.60 10.64
N VAL A 248 2.60 1.15 11.18
CA VAL A 248 3.40 1.95 12.10
C VAL A 248 4.78 2.07 11.48
N ASN A 249 5.12 3.27 11.02
CA ASN A 249 6.39 3.52 10.37
C ASN A 249 7.52 3.51 11.40
N ALA A 250 8.76 3.51 10.89
CA ALA A 250 9.92 3.57 11.76
C ALA A 250 9.84 4.83 12.64
N GLY A 251 9.98 4.64 13.95
CA GLY A 251 9.85 5.75 14.87
C GLY A 251 8.42 6.11 15.21
N GLY A 252 7.43 5.37 14.66
CA GLY A 252 6.07 5.50 15.14
C GLY A 252 5.78 4.58 16.31
N THR A 253 4.75 4.94 17.07
CA THR A 253 4.33 4.20 18.25
C THR A 253 2.83 3.92 18.18
N ALA A 254 2.46 2.68 18.47
CA ALA A 254 1.06 2.32 18.66
C ALA A 254 1.00 1.35 19.83
N THR A 255 0.23 1.68 20.84
CA THR A 255 0.15 0.88 22.04
C THR A 255 -1.30 0.46 22.28
N ASN A 256 -1.48 -0.65 22.99
CA ASN A 256 -2.80 -1.19 23.29
C ASN A 256 -3.58 -1.51 22.01
N VAL A 257 -2.85 -1.93 20.97
CA VAL A 257 -3.44 -2.40 19.73
C VAL A 257 -4.23 -3.69 19.96
N THR A 258 -5.35 -3.81 19.26
CA THR A 258 -6.11 -5.06 19.23
C THR A 258 -6.27 -5.45 17.77
N LEU A 259 -5.62 -6.52 17.37
CA LEU A 259 -5.75 -7.02 16.01
C LEU A 259 -6.67 -8.23 16.08
N THR A 260 -7.84 -8.09 15.46
CA THR A 260 -8.75 -9.21 15.38
C THR A 260 -8.29 -10.13 14.26
N GLN A 261 -8.97 -11.26 14.12
CA GLN A 261 -8.66 -12.15 13.03
C GLN A 261 -9.00 -11.44 11.73
N GLY A 262 -8.01 -11.30 10.84
CA GLY A 262 -8.20 -10.56 9.62
C GLY A 262 -7.67 -9.14 9.60
N GLY A 263 -7.15 -8.63 10.71
CA GLY A 263 -6.66 -7.28 10.78
C GLY A 263 -5.16 -7.20 10.58
N ALA A 264 -4.74 -6.52 9.51
CA ALA A 264 -3.34 -6.47 9.10
C ALA A 264 -2.53 -5.50 9.94
N LEU A 265 -1.33 -5.93 10.33
CA LEU A 265 -0.32 -5.05 10.90
C LEU A 265 0.83 -4.95 9.91
N VAL A 266 1.24 -3.72 9.60
CA VAL A 266 2.34 -3.45 8.69
C VAL A 266 3.32 -2.61 9.48
N THR A 267 4.42 -3.21 9.89
CA THR A 267 5.41 -2.49 10.64
C THR A 267 6.79 -3.11 10.42
N SER A 268 7.77 -2.59 11.15
CA SER A 268 9.13 -3.11 11.09
C SER A 268 9.64 -3.13 12.51
N THR A 269 10.79 -3.73 12.69
CA THR A 269 11.46 -3.76 13.99
C THR A 269 12.04 -2.40 14.38
N ALA A 270 11.89 -1.37 13.55
CA ALA A 270 12.28 -0.01 13.90
C ALA A 270 11.14 0.76 14.54
N ALA A 271 9.99 0.14 14.69
CA ALA A 271 8.83 0.82 15.24
C ALA A 271 8.54 0.27 16.63
N THR A 272 7.59 0.88 17.31
CA THR A 272 7.15 0.42 18.63
C THR A 272 5.67 0.11 18.58
N VAL A 273 5.32 -1.17 18.72
CA VAL A 273 3.93 -1.61 18.64
C VAL A 273 3.72 -2.61 19.76
N THR A 274 2.74 -2.38 20.62
CA THR A 274 2.36 -3.31 21.66
C THR A 274 0.86 -3.50 21.67
N GLY A 275 0.44 -4.73 21.93
CA GLY A 275 -0.98 -4.99 22.06
C GLY A 275 -1.25 -6.48 22.12
N SER A 276 -2.41 -6.87 21.59
CA SER A 276 -2.76 -8.28 21.52
C SER A 276 -3.25 -8.60 20.12
N ASN A 277 -3.24 -9.89 19.82
CA ASN A 277 -3.71 -10.44 18.56
C ASN A 277 -4.38 -11.77 18.87
N ARG A 278 -4.66 -12.55 17.83
CA ARG A 278 -5.53 -13.69 17.99
C ARG A 278 -4.90 -14.75 18.90
N LEU A 279 -3.57 -14.72 19.06
CA LEU A 279 -2.84 -15.70 19.85
C LEU A 279 -2.49 -15.22 21.25
N GLY A 280 -2.65 -13.93 21.55
CA GLY A 280 -2.21 -13.37 22.81
C GLY A 280 -1.52 -12.03 22.65
N ASN A 281 -0.69 -11.64 23.62
CA ASN A 281 0.03 -10.38 23.55
C ASN A 281 1.21 -10.45 22.60
N PHE A 282 1.59 -9.29 22.07
CA PHE A 282 2.77 -9.15 21.25
C PHE A 282 3.40 -7.78 21.55
N THR A 283 4.68 -7.66 21.20
CA THR A 283 5.43 -6.42 21.37
C THR A 283 6.41 -6.27 20.21
N VAL A 284 6.60 -5.02 19.79
CA VAL A 284 7.69 -4.63 18.92
C VAL A 284 8.39 -3.48 19.61
N GLU A 285 9.57 -3.74 20.18
CA GLU A 285 10.28 -2.75 20.99
C GLU A 285 11.77 -2.99 20.84
N ASN A 286 12.54 -1.91 20.76
CA ASN A 286 14.00 -1.99 20.85
C ASN A 286 14.56 -2.98 19.85
N GLY A 287 13.99 -3.00 18.65
CA GLY A 287 14.44 -3.87 17.59
C GLY A 287 14.06 -5.33 17.75
N ASN A 288 13.21 -5.68 18.71
CA ASN A 288 12.80 -7.06 18.93
C ASN A 288 11.29 -7.18 18.78
N ALA A 289 10.86 -8.21 18.06
CA ALA A 289 9.45 -8.53 17.87
C ALA A 289 9.15 -9.86 18.53
N ASP A 290 8.19 -9.88 19.45
CA ASP A 290 7.76 -11.11 20.09
C ASP A 290 6.27 -11.28 19.88
N GLY A 291 5.87 -12.46 19.42
CA GLY A 291 4.48 -12.82 19.35
C GLY A 291 3.69 -12.24 18.19
N VAL A 292 4.36 -11.64 17.20
CA VAL A 292 3.64 -10.96 16.14
C VAL A 292 2.86 -11.97 15.31
N VAL A 293 1.65 -11.58 14.90
CA VAL A 293 0.82 -12.36 14.00
C VAL A 293 0.57 -11.52 12.77
N LEU A 294 0.91 -12.03 11.61
CA LEU A 294 0.66 -11.32 10.37
C LEU A 294 -0.55 -11.94 9.67
N GLU A 295 -1.67 -11.23 9.73
CA GLU A 295 -2.91 -11.56 9.05
C GLU A 295 -2.75 -11.35 7.56
N SER A 296 -3.82 -11.65 6.82
CA SER A 296 -3.88 -11.31 5.41
C SER A 296 -3.75 -9.78 5.21
N GLY A 297 -2.69 -9.35 4.51
CA GLY A 297 -2.34 -7.95 4.37
C GLY A 297 -1.17 -7.51 5.26
N GLY A 298 -0.89 -8.22 6.34
CA GLY A 298 0.11 -7.77 7.28
C GLY A 298 1.53 -8.10 6.83
N ARG A 299 2.47 -7.31 7.34
CA ARG A 299 3.86 -7.48 6.98
C ARG A 299 4.72 -7.06 8.15
N LEU A 300 5.69 -7.89 8.52
CA LEU A 300 6.70 -7.53 9.50
C LEU A 300 8.07 -7.54 8.84
N ASP A 301 8.74 -6.40 8.85
CA ASP A 301 10.09 -6.28 8.33
C ASP A 301 11.04 -6.39 9.51
N VAL A 302 11.87 -7.44 9.52
CA VAL A 302 12.95 -7.57 10.49
C VAL A 302 14.20 -7.00 9.84
N LEU A 303 14.61 -5.83 10.30
CA LEU A 303 15.72 -5.10 9.72
C LEU A 303 17.05 -5.67 10.17
N GLU A 304 18.13 -5.19 9.54
CA GLU A 304 19.46 -5.65 9.87
C GLU A 304 19.80 -5.35 11.33
N GLY A 305 20.34 -6.37 12.01
CA GLY A 305 20.66 -6.26 13.41
C GLY A 305 19.47 -6.40 14.34
N HIS A 306 18.28 -6.67 13.80
CA HIS A 306 17.08 -6.83 14.61
C HIS A 306 16.65 -8.30 14.66
N SER A 307 15.65 -8.58 15.48
CA SER A 307 15.24 -9.98 15.65
C SER A 307 13.74 -10.07 15.94
N ALA A 308 13.15 -11.19 15.53
CA ALA A 308 11.77 -11.53 15.85
C ALA A 308 11.72 -12.95 16.40
N TRP A 309 10.85 -13.17 17.37
CA TRP A 309 10.66 -14.49 17.94
C TRP A 309 9.17 -14.81 18.07
N LYS A 310 8.81 -16.07 17.79
CA LYS A 310 7.42 -16.56 17.83
C LYS A 310 6.53 -15.66 16.96
N THR A 311 6.79 -15.73 15.66
CA THR A 311 6.00 -15.05 14.64
C THR A 311 5.13 -16.07 13.92
N LEU A 312 3.86 -15.75 13.73
CA LEU A 312 2.97 -16.54 12.89
C LEU A 312 2.66 -15.73 11.65
N VAL A 313 2.98 -16.28 10.49
CA VAL A 313 2.63 -15.70 9.20
C VAL A 313 1.51 -16.53 8.65
N ASP A 314 0.34 -15.91 8.50
CA ASP A 314 -0.84 -16.67 8.21
C ASP A 314 -1.20 -16.35 6.75
N ASP A 315 -2.28 -16.94 6.23
CA ASP A 315 -2.55 -16.82 4.80
C ASP A 315 -2.66 -15.36 4.39
N GLY A 316 -1.78 -14.92 3.49
CA GLY A 316 -1.79 -13.53 3.07
C GLY A 316 -0.90 -12.60 3.86
N GLY A 317 -0.23 -13.08 4.93
CA GLY A 317 0.75 -12.27 5.64
C GLY A 317 2.13 -12.36 5.03
N THR A 318 3.02 -11.49 5.49
CA THR A 318 4.36 -11.40 4.92
C THR A 318 5.34 -11.21 6.06
N LEU A 319 6.34 -12.09 6.13
CA LEU A 319 7.51 -11.88 6.98
C LEU A 319 8.69 -11.59 6.06
N ALA A 320 9.32 -10.43 6.24
CA ALA A 320 10.46 -10.01 5.43
C ALA A 320 11.68 -9.86 6.33
N VAL A 321 12.73 -10.62 6.03
CA VAL A 321 13.92 -10.61 6.87
C VAL A 321 15.09 -10.13 6.05
N SER A 322 15.66 -8.99 6.45
CA SER A 322 16.84 -8.41 5.84
C SER A 322 18.07 -9.29 6.13
N ALA A 323 19.06 -9.20 5.25
CA ALA A 323 20.39 -9.74 5.58
C ALA A 323 20.87 -9.16 6.90
N GLY A 324 21.28 -10.04 7.82
CA GLY A 324 21.67 -9.63 9.15
C GLY A 324 20.54 -9.48 10.15
N GLY A 325 19.28 -9.73 9.73
CA GLY A 325 18.19 -9.86 10.67
C GLY A 325 17.93 -11.32 11.04
N LYS A 326 17.22 -11.52 12.15
CA LYS A 326 17.03 -12.85 12.74
C LYS A 326 15.56 -13.04 13.06
N ALA A 327 15.00 -14.19 12.68
CA ALA A 327 13.63 -14.53 13.03
C ALA A 327 13.58 -16.02 13.38
N THR A 328 13.31 -16.34 14.64
CA THR A 328 13.25 -17.73 15.07
C THR A 328 11.85 -18.07 15.56
N ASP A 329 11.59 -19.38 15.61
CA ASP A 329 10.28 -19.91 15.96
C ASP A 329 9.18 -19.29 15.09
N VAL A 330 9.42 -19.29 13.79
CA VAL A 330 8.47 -18.79 12.80
C VAL A 330 7.52 -19.91 12.38
N THR A 331 6.22 -19.63 12.42
CA THR A 331 5.21 -20.53 11.87
C THR A 331 4.64 -19.91 10.60
N MET A 332 4.99 -20.50 9.44
CA MET A 332 4.37 -20.16 8.17
C MET A 332 3.15 -21.05 7.95
N THR A 333 1.97 -20.49 8.10
CA THR A 333 0.76 -21.14 7.64
C THR A 333 0.78 -21.23 6.12
N SER A 334 0.09 -22.23 5.58
CA SER A 334 -0.10 -22.31 4.14
C SER A 334 -0.60 -20.96 3.60
N GLY A 335 0.07 -20.49 2.55
CA GLY A 335 -0.25 -19.19 1.98
C GLY A 335 0.56 -18.03 2.53
N GLY A 336 1.31 -18.22 3.62
CA GLY A 336 2.14 -17.16 4.14
C GLY A 336 3.34 -16.90 3.25
N ALA A 337 3.70 -15.62 3.13
CA ALA A 337 4.85 -15.16 2.35
C ALA A 337 6.07 -14.94 3.25
N LEU A 338 7.21 -15.51 2.82
CA LEU A 338 8.52 -15.34 3.43
C LEU A 338 9.43 -14.69 2.41
N ILE A 339 10.01 -13.55 2.75
CA ILE A 339 10.90 -12.80 1.87
C ILE A 339 12.23 -12.67 2.59
N ALA A 340 13.29 -13.20 1.98
CA ALA A 340 14.60 -13.22 2.62
C ALA A 340 15.66 -13.51 1.55
N ASP A 341 16.91 -13.55 1.99
CA ASP A 341 18.03 -13.92 1.12
C ASP A 341 19.03 -14.69 1.97
N SER A 342 20.09 -15.19 1.32
CA SER A 342 21.06 -16.04 2.01
C SER A 342 21.67 -15.36 3.22
N GLY A 343 21.62 -14.03 3.29
CA GLY A 343 22.21 -13.30 4.41
C GLY A 343 21.38 -13.27 5.67
N ALA A 344 20.12 -13.67 5.61
CA ALA A 344 19.22 -13.64 6.75
C ALA A 344 19.35 -14.92 7.57
N THR A 345 18.85 -14.88 8.80
CA THR A 345 18.78 -16.04 9.67
C THR A 345 17.32 -16.24 10.10
N VAL A 346 16.73 -17.34 9.65
CA VAL A 346 15.34 -17.65 9.91
C VAL A 346 15.26 -19.13 10.28
N GLU A 347 14.41 -19.46 11.24
CA GLU A 347 14.12 -20.86 11.49
C GLU A 347 12.68 -20.97 11.96
N GLY A 348 12.00 -22.01 11.48
CA GLY A 348 10.68 -22.38 11.93
C GLY A 348 10.10 -23.54 11.14
N THR A 349 8.80 -23.50 10.92
CA THR A 349 8.09 -24.55 10.22
C THR A 349 7.17 -23.93 9.20
N ASN A 350 7.06 -24.55 8.03
CA ASN A 350 6.08 -24.15 7.05
C ASN A 350 5.22 -25.39 6.75
N ALA A 351 4.42 -25.30 5.68
CA ALA A 351 3.42 -26.34 5.42
C ALA A 351 4.09 -27.67 5.14
N SER A 352 5.20 -27.66 4.40
CA SER A 352 5.90 -28.91 4.11
C SER A 352 6.84 -29.37 5.22
N GLY A 353 7.05 -28.58 6.27
CA GLY A 353 7.87 -29.04 7.38
C GLY A 353 8.87 -28.03 7.89
N LYS A 354 9.99 -28.50 8.48
CA LYS A 354 10.97 -27.60 9.08
C LYS A 354 11.79 -26.90 8.01
N PHE A 355 12.15 -25.65 8.28
CA PHE A 355 12.94 -24.84 7.36
C PHE A 355 13.87 -23.94 8.16
N SER A 356 14.95 -23.50 7.51
CA SER A 356 15.91 -22.62 8.15
C SER A 356 16.72 -21.94 7.07
N ILE A 357 17.16 -20.72 7.38
CA ILE A 357 18.14 -19.99 6.61
C ILE A 357 19.28 -19.63 7.57
N ASP A 358 20.50 -20.05 7.25
CA ASP A 358 21.65 -19.72 8.07
C ASP A 358 22.44 -18.62 7.37
N GLY A 359 22.38 -17.41 7.93
CA GLY A 359 22.97 -16.26 7.28
C GLY A 359 24.49 -16.27 7.26
N ILE A 360 25.11 -16.97 8.21
CA ILE A 360 26.57 -17.04 8.23
C ILE A 360 27.09 -18.01 7.16
N SER A 361 26.58 -19.24 7.18
CA SER A 361 26.96 -20.26 6.21
C SER A 361 26.31 -20.05 4.84
N GLY A 362 25.22 -19.29 4.72
CA GLY A 362 24.63 -19.07 3.42
C GLY A 362 23.79 -20.23 2.92
N GLN A 363 23.26 -21.04 3.82
CA GLN A 363 22.52 -22.22 3.46
C GLN A 363 21.08 -22.11 3.93
N ALA A 364 20.16 -22.36 3.02
CA ALA A 364 18.74 -22.46 3.31
C ALA A 364 18.28 -23.89 3.04
N SER A 365 17.31 -24.33 3.82
CA SER A 365 16.82 -25.70 3.68
C SER A 365 15.33 -25.73 3.97
N GLY A 366 14.58 -26.42 3.10
CA GLY A 366 13.14 -26.62 3.27
C GLY A 366 12.23 -25.42 3.05
N LEU A 367 12.72 -24.36 2.41
CA LEU A 367 11.90 -23.19 2.12
C LEU A 367 10.64 -23.53 1.33
N LEU A 368 9.55 -22.84 1.66
CA LEU A 368 8.31 -22.84 0.89
C LEU A 368 8.05 -21.38 0.51
N LEU A 369 8.17 -21.07 -0.79
CA LEU A 369 8.00 -19.71 -1.30
C LEU A 369 6.72 -19.66 -2.11
N GLU A 370 5.74 -18.93 -1.60
CA GLU A 370 4.45 -18.83 -2.26
C GLU A 370 3.81 -17.49 -1.91
N ASN A 371 2.85 -17.10 -2.74
CA ASN A 371 1.92 -16.02 -2.41
C ASN A 371 2.64 -14.71 -2.12
N GLY A 372 3.63 -14.39 -2.96
CA GLY A 372 4.50 -13.25 -2.76
C GLY A 372 5.82 -13.55 -2.08
N GLY A 373 5.96 -14.74 -1.48
CA GLY A 373 7.23 -15.11 -0.89
C GLY A 373 8.33 -15.22 -1.93
N SER A 374 9.56 -15.00 -1.48
CA SER A 374 10.65 -15.02 -2.45
C SER A 374 11.98 -15.07 -1.73
N PHE A 375 12.95 -15.71 -2.38
CA PHE A 375 14.25 -15.96 -1.80
C PHE A 375 15.30 -15.75 -2.87
N THR A 376 16.41 -15.12 -2.49
CA THR A 376 17.55 -14.92 -3.37
C THR A 376 18.75 -15.65 -2.80
N VAL A 377 19.39 -16.50 -3.61
CA VAL A 377 20.60 -17.21 -3.23
C VAL A 377 21.78 -16.40 -3.72
N ASN A 378 22.60 -15.92 -2.79
CA ASN A 378 23.77 -15.14 -3.17
C ASN A 378 24.94 -16.06 -3.54
N ALA A 379 25.94 -15.47 -4.18
CA ALA A 379 27.18 -16.16 -4.51
C ALA A 379 27.69 -16.97 -3.32
N GLY A 380 28.06 -18.23 -3.58
CA GLY A 380 28.52 -19.15 -2.55
C GLY A 380 27.42 -19.67 -1.67
N GLY A 381 26.16 -19.36 -1.97
CA GLY A 381 25.06 -19.77 -1.14
C GLY A 381 24.40 -21.00 -1.70
N LEU A 382 23.48 -21.54 -0.91
CA LEU A 382 22.82 -22.80 -1.23
C LEU A 382 21.37 -22.74 -0.76
N ALA A 383 20.46 -23.16 -1.63
CA ALA A 383 19.09 -23.46 -1.27
C ALA A 383 18.85 -24.95 -1.47
N SER A 384 18.52 -25.66 -0.39
CA SER A 384 18.29 -27.09 -0.46
C SER A 384 16.83 -27.38 -0.18
N ASN A 385 16.23 -28.24 -1.00
CA ASN A 385 14.85 -28.72 -0.80
C ASN A 385 13.85 -27.57 -0.76
N THR A 386 13.95 -26.68 -1.74
CA THR A 386 13.06 -25.54 -1.87
C THR A 386 11.81 -25.90 -2.65
N THR A 387 10.66 -25.48 -2.13
CA THR A 387 9.39 -25.62 -2.83
C THR A 387 8.90 -24.22 -3.18
N VAL A 388 8.72 -23.98 -4.48
CA VAL A 388 8.24 -22.69 -4.98
C VAL A 388 6.82 -22.94 -5.49
N GLY A 389 5.86 -22.28 -4.87
CA GLY A 389 4.47 -22.43 -5.21
C GLY A 389 3.95 -21.25 -6.01
N HIS A 390 2.62 -21.16 -6.09
CA HIS A 390 1.94 -20.08 -6.80
C HIS A 390 2.40 -18.73 -6.26
N ARG A 391 2.89 -17.86 -7.16
CA ARG A 391 3.36 -16.53 -6.84
C ARG A 391 4.60 -16.53 -5.94
N GLY A 392 5.38 -17.61 -5.97
CA GLY A 392 6.68 -17.64 -5.35
C GLY A 392 7.78 -17.45 -6.38
N THR A 393 8.91 -16.90 -5.92
CA THR A 393 10.05 -16.64 -6.79
C THR A 393 11.33 -17.10 -6.08
N LEU A 394 12.13 -17.90 -6.77
CA LEU A 394 13.45 -18.28 -6.30
C LEU A 394 14.45 -17.69 -7.28
N THR A 395 15.32 -16.82 -6.81
CA THR A 395 16.28 -16.12 -7.66
C THR A 395 17.68 -16.57 -7.26
N LEU A 396 18.50 -16.91 -8.25
CA LEU A 396 19.88 -17.30 -7.97
C LEU A 396 20.82 -16.31 -8.63
N ALA A 397 21.63 -15.64 -7.82
CA ALA A 397 22.72 -14.85 -8.34
C ALA A 397 23.79 -15.77 -8.90
N ALA A 398 24.65 -15.20 -9.74
CA ALA A 398 25.83 -15.93 -10.19
C ALA A 398 26.56 -16.48 -8.99
N GLY A 399 26.94 -17.75 -9.05
CA GLY A 399 27.58 -18.39 -7.94
C GLY A 399 26.65 -18.94 -6.88
N GLY A 400 25.33 -18.87 -7.08
CA GLY A 400 24.39 -19.49 -6.15
C GLY A 400 24.05 -20.90 -6.57
N SER A 401 23.64 -21.75 -5.61
CA SER A 401 23.56 -23.18 -5.83
C SER A 401 22.25 -23.75 -5.29
N LEU A 402 21.87 -24.89 -5.87
CA LEU A 402 20.68 -25.66 -5.50
C LEU A 402 21.07 -27.07 -5.07
N SER A 403 20.32 -27.64 -4.14
CA SER A 403 20.54 -29.04 -3.82
C SER A 403 19.23 -29.68 -3.37
N GLY A 404 19.24 -31.02 -3.31
CA GLY A 404 18.07 -31.83 -3.02
C GLY A 404 16.99 -31.62 -4.07
N ARG A 405 15.75 -31.67 -3.63
CA ARG A 405 14.61 -31.50 -4.51
C ARG A 405 14.26 -30.02 -4.60
N THR A 406 14.44 -29.41 -5.76
CA THR A 406 13.92 -28.07 -6.03
C THR A 406 12.63 -28.24 -6.80
N GLN A 407 11.51 -27.95 -6.17
CA GLN A 407 10.22 -28.17 -6.81
C GLN A 407 9.53 -26.85 -7.15
N LEU A 408 9.13 -26.73 -8.41
CA LEU A 408 8.42 -25.57 -8.94
C LEU A 408 7.01 -26.01 -9.31
N SER A 409 6.03 -25.46 -8.61
CA SER A 409 4.65 -25.71 -8.97
C SER A 409 4.25 -24.79 -10.12
N LYS A 410 3.01 -24.95 -10.57
CA LYS A 410 2.48 -24.06 -11.60
C LYS A 410 2.39 -22.64 -11.03
N GLY A 411 2.71 -21.66 -11.85
CA GLY A 411 2.72 -20.29 -11.36
C GLY A 411 3.90 -19.92 -10.52
N ALA A 412 4.93 -20.77 -10.46
CA ALA A 412 6.15 -20.51 -9.71
C ALA A 412 7.23 -20.02 -10.65
N SER A 413 8.20 -19.27 -10.10
CA SER A 413 9.27 -18.72 -10.92
C SER A 413 10.62 -19.02 -10.29
N MET A 414 11.57 -19.41 -11.14
CA MET A 414 12.97 -19.47 -10.79
C MET A 414 13.74 -18.66 -11.82
N VAL A 415 14.51 -17.69 -11.34
CA VAL A 415 15.29 -16.79 -12.17
C VAL A 415 16.77 -17.10 -11.95
N LEU A 416 17.49 -17.34 -13.04
CA LEU A 416 18.90 -17.70 -13.00
C LEU A 416 19.69 -16.53 -13.56
N ASN A 417 20.51 -15.91 -12.71
CA ASN A 417 21.25 -14.73 -13.13
C ASN A 417 22.71 -15.01 -13.43
N GLY A 418 23.16 -16.25 -13.33
CA GLY A 418 24.43 -16.69 -13.84
C GLY A 418 24.41 -18.20 -13.96
N ASP A 419 25.58 -18.78 -14.21
CA ASP A 419 25.69 -20.24 -14.15
C ASP A 419 25.23 -20.74 -12.79
N VAL A 420 24.42 -21.79 -12.78
CA VAL A 420 23.86 -22.34 -11.54
C VAL A 420 23.97 -23.85 -11.59
N VAL A 421 24.39 -24.45 -10.48
CA VAL A 421 24.51 -25.91 -10.38
C VAL A 421 23.48 -26.40 -9.36
N SER A 422 22.64 -27.34 -9.79
CA SER A 422 21.79 -28.10 -8.87
C SER A 422 22.42 -29.46 -8.65
N THR A 423 22.81 -29.76 -7.41
CA THR A 423 23.28 -31.11 -7.13
C THR A 423 22.13 -32.05 -6.78
N GLY A 424 20.93 -31.74 -7.22
CA GLY A 424 19.82 -32.63 -6.95
C GLY A 424 18.87 -32.70 -8.12
N ASP A 425 17.58 -32.77 -7.83
CA ASP A 425 16.53 -32.99 -8.82
C ASP A 425 15.68 -31.73 -8.87
N ILE A 426 15.51 -31.18 -10.07
CA ILE A 426 14.64 -30.04 -10.31
C ILE A 426 13.34 -30.55 -10.92
N VAL A 427 12.25 -30.40 -10.19
CA VAL A 427 10.93 -30.89 -10.59
C VAL A 427 10.12 -29.65 -10.97
N ASN A 428 9.88 -29.46 -12.27
CA ASN A 428 9.44 -28.15 -12.75
C ASN A 428 8.07 -28.22 -13.40
N ALA A 429 7.06 -27.69 -12.72
CA ALA A 429 5.78 -27.38 -13.30
C ALA A 429 5.63 -25.90 -13.64
N GLY A 430 6.62 -25.09 -13.32
CA GLY A 430 6.49 -23.65 -13.44
C GLY A 430 7.34 -23.07 -14.56
N GLU A 431 7.90 -21.88 -14.34
CA GLU A 431 8.74 -21.22 -15.33
C GLU A 431 10.13 -20.97 -14.75
N ILE A 432 11.14 -21.46 -15.44
CA ILE A 432 12.52 -21.13 -15.18
C ILE A 432 12.96 -20.16 -16.26
N ARG A 433 13.70 -19.11 -15.88
CA ARG A 433 14.18 -18.18 -16.90
C ARG A 433 15.64 -17.81 -16.67
N PHE A 434 16.39 -17.76 -17.76
CA PHE A 434 17.73 -17.19 -17.73
C PHE A 434 17.63 -15.68 -17.88
N ASP A 435 18.34 -14.96 -17.03
CA ASP A 435 18.32 -13.52 -17.04
C ASP A 435 19.70 -13.01 -16.68
N ASN A 436 19.91 -11.70 -16.84
CA ASN A 436 21.22 -11.11 -16.57
C ASN A 436 21.26 -10.28 -15.29
N GLN A 437 20.15 -9.65 -14.90
CA GLN A 437 20.14 -8.82 -13.69
C GLN A 437 20.29 -9.68 -12.44
N VAL A 455 24.80 -9.34 -23.41
CA VAL A 455 24.10 -10.57 -23.08
C VAL A 455 25.09 -11.75 -22.99
N THR A 456 25.21 -12.31 -21.78
CA THR A 456 26.06 -13.48 -21.57
C THR A 456 25.18 -14.66 -21.20
N PHE A 457 25.36 -15.76 -21.92
CA PHE A 457 24.59 -16.96 -21.72
C PHE A 457 25.11 -17.74 -20.50
N HIS A 458 24.26 -18.62 -19.97
CA HIS A 458 24.58 -19.32 -18.75
C HIS A 458 24.26 -20.80 -18.90
N LYS A 459 24.71 -21.58 -17.92
CA LYS A 459 24.45 -23.01 -17.85
C LYS A 459 23.65 -23.32 -16.60
N LEU A 460 22.56 -24.06 -16.77
CA LEU A 460 21.86 -24.68 -15.66
C LEU A 460 22.29 -26.14 -15.62
N THR A 461 23.17 -26.49 -14.69
CA THR A 461 23.55 -27.88 -14.51
C THR A 461 22.70 -28.48 -13.41
N THR A 462 22.09 -29.64 -13.69
CA THR A 462 21.34 -30.36 -12.66
C THR A 462 21.64 -31.85 -12.76
N SER A 463 21.49 -32.55 -11.64
CA SER A 463 21.69 -33.99 -11.64
C SER A 463 20.52 -34.70 -12.29
N ASN A 464 19.31 -34.19 -12.06
CA ASN A 464 18.10 -34.79 -12.60
C ASN A 464 17.13 -33.67 -12.89
N LEU A 465 16.39 -33.81 -13.99
CA LEU A 465 15.34 -32.86 -14.33
C LEU A 465 14.06 -33.65 -14.53
N THR A 466 13.05 -33.37 -13.72
CA THR A 466 11.71 -33.94 -13.88
C THR A 466 10.78 -32.87 -14.44
N GLY A 467 10.45 -32.97 -15.72
CA GLY A 467 9.56 -32.03 -16.36
C GLY A 467 8.11 -32.37 -16.09
N GLN A 468 7.37 -31.44 -15.47
CA GLN A 468 5.94 -31.62 -15.24
C GLN A 468 5.12 -30.59 -16.02
N GLY A 469 5.51 -30.33 -17.26
CA GLY A 469 4.85 -29.32 -18.05
C GLY A 469 5.36 -27.91 -17.83
N GLY A 470 6.39 -27.75 -17.00
CA GLY A 470 7.03 -26.47 -16.82
C GLY A 470 7.76 -26.01 -18.06
N THR A 471 8.19 -24.75 -18.01
CA THR A 471 8.84 -24.09 -19.13
C THR A 471 10.19 -23.55 -18.66
N ILE A 472 11.20 -23.66 -19.51
CA ILE A 472 12.49 -23.04 -19.29
C ILE A 472 12.67 -22.01 -20.40
N ASN A 473 12.89 -20.76 -20.03
CA ASN A 473 13.03 -19.67 -20.98
C ASN A 473 14.52 -19.45 -21.23
N MET A 474 14.96 -19.76 -22.44
CA MET A 474 16.36 -19.72 -22.77
C MET A 474 16.60 -18.70 -23.88
N ARG A 475 17.82 -18.18 -23.92
CA ARG A 475 18.24 -17.30 -24.99
C ARG A 475 19.22 -18.00 -25.94
N VAL A 476 19.24 -17.54 -27.18
CA VAL A 476 20.06 -18.11 -28.24
C VAL A 476 20.38 -17.01 -29.23
N ARG A 477 21.52 -17.12 -29.89
CA ARG A 477 21.91 -16.18 -30.93
C ARG A 477 22.00 -16.94 -32.25
N LEU A 478 21.18 -16.55 -33.22
CA LEU A 478 21.09 -17.26 -34.49
C LEU A 478 21.88 -16.57 -35.61
N ASP A 479 22.82 -15.71 -35.25
CA ASP A 479 23.57 -14.88 -36.19
C ASP A 479 24.87 -15.54 -36.67
N GLY A 480 25.08 -16.83 -36.38
CA GLY A 480 26.29 -17.52 -36.78
C GLY A 480 27.22 -17.88 -35.65
N SER A 481 26.97 -17.37 -34.44
CA SER A 481 27.85 -17.64 -33.32
C SER A 481 27.51 -18.95 -32.60
N ASN A 482 26.37 -19.55 -32.90
CA ASN A 482 26.00 -20.85 -32.35
C ASN A 482 26.05 -20.84 -30.82
N ALA A 483 25.65 -19.72 -30.23
CA ALA A 483 25.69 -19.58 -28.79
C ALA A 483 24.27 -19.54 -28.24
N SER A 484 24.11 -20.05 -27.02
CA SER A 484 22.81 -20.07 -26.35
C SER A 484 23.03 -20.38 -24.88
N ASP A 485 21.98 -20.19 -24.08
CA ASP A 485 21.94 -20.80 -22.76
C ASP A 485 21.95 -22.32 -22.90
N GLN A 486 22.31 -23.00 -21.83
CA GLN A 486 22.38 -24.46 -21.91
C GLN A 486 21.83 -25.09 -20.63
N LEU A 487 21.30 -26.31 -20.77
CA LEU A 487 21.00 -27.20 -19.65
C LEU A 487 21.97 -28.37 -19.67
N VAL A 488 22.51 -28.71 -18.51
CA VAL A 488 23.42 -29.83 -18.40
C VAL A 488 22.83 -30.85 -17.45
N ILE A 489 22.61 -32.06 -17.94
CA ILE A 489 22.21 -33.16 -17.08
C ILE A 489 23.47 -33.89 -16.66
N ASN A 490 23.79 -33.83 -15.37
CA ASN A 490 25.03 -34.36 -14.86
C ASN A 490 24.78 -35.74 -14.24
N GLY A 491 24.83 -36.77 -15.08
CA GLY A 491 24.85 -38.13 -14.59
C GLY A 491 23.50 -38.75 -14.27
N GLY A 492 22.44 -37.96 -14.15
CA GLY A 492 21.12 -38.53 -13.94
C GLY A 492 20.32 -38.60 -15.22
N GLN A 493 19.09 -38.08 -15.21
CA GLN A 493 18.32 -38.07 -16.44
C GLN A 493 17.34 -36.92 -16.46
N ALA A 494 16.95 -36.55 -17.67
CA ALA A 494 15.84 -35.64 -17.92
C ALA A 494 14.64 -36.48 -18.30
N THR A 495 13.56 -36.41 -17.52
CA THR A 495 12.37 -37.20 -17.74
C THR A 495 11.14 -36.28 -17.82
N GLY A 496 9.99 -36.88 -18.10
CA GLY A 496 8.77 -36.08 -18.15
C GLY A 496 8.75 -35.14 -19.34
N LYS A 497 8.07 -34.00 -19.17
CA LYS A 497 7.88 -33.07 -20.27
C LYS A 497 8.31 -31.66 -19.86
N THR A 498 9.26 -31.12 -20.58
CA THR A 498 9.74 -29.76 -20.37
C THR A 498 9.60 -28.97 -21.65
N TRP A 499 8.92 -27.83 -21.56
CA TRP A 499 8.87 -26.91 -22.69
C TRP A 499 10.10 -25.99 -22.67
N LEU A 500 10.68 -25.77 -23.85
CA LEU A 500 11.78 -24.82 -24.01
C LEU A 500 11.29 -23.65 -24.86
N ALA A 501 11.30 -22.46 -24.27
CA ALA A 501 10.92 -21.22 -24.96
C ALA A 501 12.19 -20.42 -25.25
N PHE A 502 12.57 -20.34 -26.53
CA PHE A 502 13.77 -19.65 -26.94
C PHE A 502 13.47 -18.24 -27.43
N THR A 503 14.39 -17.33 -27.13
CA THR A 503 14.36 -15.96 -27.63
C THR A 503 15.67 -15.69 -28.35
N ASN A 504 15.57 -15.36 -29.65
CA ASN A 504 16.76 -14.97 -30.40
C ASN A 504 17.17 -13.56 -29.97
N VAL A 505 18.33 -13.47 -29.32
CA VAL A 505 18.81 -12.18 -28.84
C VAL A 505 19.77 -11.60 -29.87
N GLY A 506 19.76 -12.15 -31.08
CA GLY A 506 20.41 -11.54 -32.22
C GLY A 506 19.41 -10.81 -33.09
N ASN A 507 19.90 -10.37 -34.25
CA ASN A 507 19.04 -9.68 -35.22
C ASN A 507 17.96 -10.64 -35.73
N SER A 508 16.73 -10.13 -35.84
CA SER A 508 15.60 -10.99 -36.17
C SER A 508 15.57 -11.40 -37.64
N ASN A 509 16.21 -10.66 -38.55
CA ASN A 509 16.28 -11.10 -39.94
C ASN A 509 17.62 -11.77 -40.29
N LEU A 510 18.52 -11.99 -39.34
CA LEU A 510 19.77 -12.69 -39.59
C LEU A 510 19.65 -14.13 -39.11
N GLY A 511 19.57 -15.05 -40.05
CA GLY A 511 19.66 -16.46 -39.70
C GLY A 511 20.82 -17.13 -40.41
N VAL A 512 21.72 -17.72 -39.64
CA VAL A 512 22.84 -18.49 -40.17
C VAL A 512 22.57 -19.95 -39.87
N ALA A 513 22.78 -20.81 -40.85
CA ALA A 513 22.54 -22.24 -40.65
C ALA A 513 23.47 -22.76 -39.56
N THR A 514 22.99 -23.76 -38.83
CA THR A 514 23.83 -24.48 -37.90
C THR A 514 24.77 -25.44 -38.67
N SER A 515 25.73 -25.99 -37.94
CA SER A 515 26.72 -26.88 -38.51
C SER A 515 26.82 -28.15 -37.68
N GLY A 516 27.12 -29.26 -38.36
CA GLY A 516 27.24 -30.54 -37.68
C GLY A 516 25.95 -30.89 -36.97
N GLN A 517 26.06 -31.23 -35.69
CA GLN A 517 24.88 -31.55 -34.88
C GLN A 517 24.09 -30.31 -34.47
N GLY A 518 24.65 -29.12 -34.65
CA GLY A 518 23.93 -27.89 -34.32
C GLY A 518 24.28 -27.34 -32.96
N ILE A 519 23.40 -26.46 -32.47
CA ILE A 519 23.61 -25.78 -31.19
C ILE A 519 23.13 -26.70 -30.08
N ARG A 520 24.08 -27.16 -29.25
CA ARG A 520 23.74 -28.10 -28.18
C ARG A 520 23.08 -27.32 -27.05
N VAL A 521 21.77 -27.47 -26.91
CA VAL A 521 21.03 -26.77 -25.86
C VAL A 521 20.79 -27.63 -24.62
N VAL A 522 20.92 -28.95 -24.71
CA VAL A 522 20.85 -29.84 -23.55
C VAL A 522 22.00 -30.83 -23.67
N ASP A 523 22.87 -30.84 -22.67
CA ASP A 523 24.07 -31.65 -22.68
C ASP A 523 23.94 -32.73 -21.60
N ALA A 524 23.81 -33.98 -22.02
CA ALA A 524 23.82 -35.10 -21.09
C ALA A 524 25.27 -35.50 -20.89
N GLN A 525 25.76 -35.46 -19.65
CA GLN A 525 27.15 -35.83 -19.48
C GLN A 525 27.32 -36.75 -18.29
N ASN A 526 28.44 -37.47 -18.30
CA ASN A 526 28.77 -38.47 -17.30
C ASN A 526 27.69 -39.56 -17.26
N GLY A 527 27.31 -40.03 -18.44
CA GLY A 527 26.37 -41.14 -18.53
C GLY A 527 24.91 -40.79 -18.41
N ALA A 528 24.56 -39.50 -18.37
CA ALA A 528 23.17 -39.10 -18.25
C ALA A 528 22.38 -39.52 -19.47
N THR A 529 21.09 -39.76 -19.28
CA THR A 529 20.15 -40.00 -20.39
C THR A 529 19.04 -38.94 -20.39
N THR A 530 18.36 -38.83 -21.51
CA THR A 530 17.15 -38.02 -21.60
C THR A 530 16.10 -38.86 -22.31
N GLU A 531 14.87 -38.80 -21.80
CA GLU A 531 13.78 -39.52 -22.45
C GLU A 531 13.48 -38.92 -23.82
N GLU A 532 12.90 -39.73 -24.70
CA GLU A 532 12.74 -39.34 -26.08
C GLU A 532 11.86 -38.10 -26.22
N GLY A 533 10.91 -37.90 -25.32
CA GLY A 533 10.06 -36.73 -25.45
C GLY A 533 10.27 -35.72 -24.33
N ALA A 534 11.50 -35.64 -23.81
CA ALA A 534 11.75 -34.85 -22.62
C ALA A 534 11.61 -33.36 -22.88
N PHE A 535 11.86 -32.92 -24.11
CA PHE A 535 11.83 -31.50 -24.43
C PHE A 535 11.07 -31.28 -25.73
N ALA A 536 10.52 -30.08 -25.87
CA ALA A 536 9.84 -29.64 -27.08
C ALA A 536 9.76 -28.12 -27.07
N LEU A 537 10.00 -27.50 -28.22
CA LEU A 537 9.83 -26.07 -28.38
C LEU A 537 8.40 -25.66 -28.05
N SER A 538 8.24 -24.66 -27.18
CA SER A 538 6.92 -24.14 -26.89
C SER A 538 6.37 -23.29 -28.03
N ARG A 539 7.23 -22.78 -28.89
CA ARG A 539 6.80 -22.02 -30.06
C ARG A 539 7.92 -22.11 -31.09
N PRO A 540 7.62 -21.81 -32.36
CA PRO A 540 8.68 -21.87 -33.38
C PRO A 540 9.82 -20.92 -33.06
N LEU A 541 10.99 -21.24 -33.62
CA LEU A 541 12.16 -20.40 -33.51
C LEU A 541 12.72 -20.20 -34.91
N GLN A 542 12.77 -18.93 -35.36
CA GLN A 542 13.06 -18.64 -36.75
C GLN A 542 13.87 -17.35 -36.88
N ALA A 543 14.70 -17.31 -37.92
CA ALA A 543 15.48 -16.13 -38.25
C ALA A 543 15.89 -16.23 -39.72
N GLY A 544 15.83 -15.11 -40.42
CA GLY A 544 16.21 -15.11 -41.82
C GLY A 544 15.49 -16.19 -42.59
N ALA A 545 16.24 -16.96 -43.37
CA ALA A 545 15.69 -18.01 -44.21
C ALA A 545 15.59 -19.36 -43.50
N PHE A 546 15.69 -19.38 -42.18
CA PHE A 546 15.88 -20.65 -41.48
C PHE A 546 14.82 -20.83 -40.41
N ASN A 547 14.23 -22.03 -40.38
CA ASN A 547 13.54 -22.56 -39.21
C ASN A 547 14.53 -23.39 -38.41
N TYR A 548 14.38 -23.36 -37.08
CA TYR A 548 15.33 -24.02 -36.20
C TYR A 548 14.58 -25.03 -35.33
N THR A 549 14.75 -26.31 -35.63
CA THR A 549 14.04 -27.36 -34.94
C THR A 549 14.88 -27.91 -33.79
N LEU A 550 14.18 -28.53 -32.83
CA LEU A 550 14.78 -29.15 -31.66
C LEU A 550 14.91 -30.65 -31.88
N ASN A 551 16.10 -31.20 -31.62
CA ASN A 551 16.37 -32.58 -31.99
C ASN A 551 17.17 -33.31 -30.93
N ARG A 552 16.69 -34.48 -30.54
CA ARG A 552 17.46 -35.37 -29.67
C ARG A 552 18.25 -36.32 -30.55
N ASP A 553 19.52 -36.56 -30.19
CA ASP A 553 20.41 -37.43 -30.95
C ASP A 553 20.84 -38.61 -30.09
N SER A 554 21.58 -39.53 -30.70
CA SER A 554 21.87 -40.78 -30.02
C SER A 554 22.79 -40.60 -28.82
N ASP A 555 23.46 -39.45 -28.71
CA ASP A 555 24.31 -39.16 -27.57
C ASP A 555 23.54 -38.61 -26.36
N GLU A 556 22.21 -38.71 -26.39
CA GLU A 556 21.25 -38.22 -25.40
C GLU A 556 21.19 -36.70 -25.34
N ASP A 557 22.01 -35.97 -26.11
CA ASP A 557 21.98 -34.52 -26.09
C ASP A 557 20.87 -34.00 -26.99
N TRP A 558 20.51 -32.73 -26.80
CA TRP A 558 19.45 -32.08 -27.57
C TRP A 558 20.02 -30.86 -28.31
N TYR A 559 19.70 -30.76 -29.60
CA TYR A 559 20.31 -29.76 -30.47
C TYR A 559 19.26 -28.95 -31.23
N LEU A 560 19.57 -27.66 -31.44
CA LEU A 560 18.90 -26.81 -32.41
C LEU A 560 19.59 -26.93 -33.76
N ARG A 561 18.82 -27.18 -34.82
CA ARG A 561 19.38 -27.34 -36.15
C ARG A 561 18.54 -26.57 -37.16
N SER A 562 19.19 -26.07 -38.20
CA SER A 562 18.53 -25.20 -39.17
C SER A 562 17.93 -25.99 -40.33
N GLU A 563 16.86 -25.43 -40.89
CA GLU A 563 16.22 -25.99 -42.08
C GLU A 563 15.64 -24.83 -42.88
N ASN A 564 14.86 -25.16 -43.92
CA ASN A 564 14.37 -24.20 -44.93
C ASN A 564 15.53 -23.58 -45.72
#